data_6CN2
#
_entry.id   6CN2
#
_cell.length_a   89.036
_cell.length_b   89.036
_cell.length_c   157.783
_cell.angle_alpha   90.000
_cell.angle_beta   90.000
_cell.angle_gamma   90.000
#
_symmetry.space_group_name_H-M   'P 43 21 2'
#
loop_
_entity.id
_entity.type
_entity.pdbx_description
1 polymer 'Phosphatidylinositol-4-phosphate 5-kinase, type I, alpha'
2 non-polymer "ADENOSINE-5'-TRIPHOSPHATE"
3 non-polymer 'CALCIUM ION'
4 water water
#
_entity_poly.entity_id   1
_entity_poly.type   'polypeptide(L)'
_entity_poly.pdbx_seq_one_letter_code
;MASTGETTYKKTTSSALKGAIQLGITHSVGSLSQKPERDVLMQDFEVVESIFFPSQGSSSTPGHHHGDFKFKTYAPIAFR
YFREMFGIRPDDYLYSLCNEPLIELSNPGASGSLFYVSSDDEFIIKTVQHKEAEFLQTLLPGYFMNLNQNMRTLLPKFYG
LYCVQADGKNIRIVVMNNLLPRAVPMHLKFNLKGSTYKRRASPKERSKGVPTYKDLDFMQDMPEGILLENDHYTALSRTM
QRDCRVLQSFKIMDYSLLVGIHILHRAGEEASTAVPDTQKKGQGQKPLYCTAIESIQGESKSKTSPQPYESMGGIPAFNS
KGERLLVFIGIIDILQSYRLVKKLEHSWKALLHDGDTVSVHRPSFYADRFQKFMCSTVFRKSQLKTLEHHHHHH
;
_entity_poly.pdbx_strand_id   A
#
# COMPACT_ATOMS: atom_id res chain seq x y z
N THR A 13 12.51 -20.24 -9.10
CA THR A 13 12.63 -19.18 -10.09
C THR A 13 11.68 -18.01 -9.81
N SER A 14 12.04 -17.23 -8.80
CA SER A 14 11.49 -15.90 -8.63
C SER A 14 11.68 -15.04 -9.88
N SER A 15 12.84 -15.14 -10.54
CA SER A 15 13.11 -14.38 -11.75
C SER A 15 12.00 -14.56 -12.79
N ALA A 16 11.34 -15.72 -12.79
CA ALA A 16 10.27 -16.00 -13.75
C ALA A 16 9.00 -15.22 -13.45
N LEU A 17 8.86 -14.72 -12.22
CA LEU A 17 7.76 -13.85 -11.84
C LEU A 17 8.06 -12.39 -12.10
N LYS A 18 9.22 -11.91 -11.63
CA LYS A 18 9.65 -10.54 -11.90
C LYS A 18 9.50 -10.21 -13.37
N GLY A 19 9.94 -11.11 -14.25
CA GLY A 19 9.82 -10.85 -15.66
C GLY A 19 8.39 -10.85 -16.14
N ALA A 20 7.57 -11.76 -15.64
CA ALA A 20 6.19 -11.84 -16.08
C ALA A 20 5.41 -10.60 -15.64
N ILE A 21 5.65 -10.14 -14.41
CA ILE A 21 5.15 -8.84 -13.99
C ILE A 21 5.58 -7.76 -14.97
N GLN A 22 6.90 -7.61 -15.15
CA GLN A 22 7.42 -6.51 -15.98
C GLN A 22 6.91 -6.60 -17.42
N LEU A 23 6.91 -7.79 -18.01
CA LEU A 23 6.42 -7.94 -19.38
C LEU A 23 4.97 -7.48 -19.53
N GLY A 24 4.10 -7.99 -18.64
CA GLY A 24 2.66 -7.80 -18.74
C GLY A 24 2.17 -6.40 -18.47
N ILE A 25 2.73 -5.73 -17.46
CA ILE A 25 2.36 -4.35 -17.18
C ILE A 25 2.68 -3.47 -18.39
N THR A 26 3.89 -3.61 -18.94
CA THR A 26 4.25 -2.90 -20.17
C THR A 26 3.17 -3.07 -21.23
N HIS A 27 2.81 -4.33 -21.51
CA HIS A 27 1.79 -4.63 -22.51
C HIS A 27 0.43 -4.07 -22.11
N SER A 28 0.12 -4.09 -20.82
CA SER A 28 -1.18 -3.62 -20.38
C SER A 28 -1.30 -2.11 -20.51
N VAL A 29 -0.41 -1.36 -19.85
CA VAL A 29 -0.50 0.09 -19.89
C VAL A 29 -0.05 0.64 -21.23
N GLY A 30 0.93 -0.03 -21.86
CA GLY A 30 1.32 0.37 -23.19
C GLY A 30 0.14 0.44 -24.13
N SER A 31 -0.63 -0.66 -24.21
CA SER A 31 -1.80 -0.72 -25.09
C SER A 31 -2.89 0.24 -24.66
N LEU A 32 -2.88 0.65 -23.40
CA LEU A 32 -3.92 1.54 -22.89
C LEU A 32 -3.67 2.98 -23.31
N SER A 33 -2.41 3.42 -23.25
CA SER A 33 -2.07 4.81 -23.56
C SER A 33 -2.29 5.17 -25.03
N GLN A 34 -2.51 4.16 -25.88
CA GLN A 34 -2.98 4.40 -27.24
C GLN A 34 -4.50 4.59 -27.30
N LYS A 35 -5.27 3.79 -26.55
CA LYS A 35 -6.70 4.02 -26.43
C LYS A 35 -6.97 5.41 -25.83
N PRO A 36 -7.98 6.13 -26.32
CA PRO A 36 -8.19 7.51 -25.89
C PRO A 36 -9.02 7.57 -24.62
N GLU A 37 -8.87 8.67 -23.90
CA GLU A 37 -9.29 8.67 -22.50
C GLU A 37 -10.77 9.01 -22.36
N ARG A 38 -11.35 8.50 -21.28
CA ARG A 38 -12.76 8.65 -20.96
C ARG A 38 -12.91 8.52 -19.45
N ASP A 39 -14.08 8.94 -18.96
CA ASP A 39 -14.42 8.88 -17.53
C ASP A 39 -14.59 7.44 -17.04
N VAL A 40 -14.43 7.26 -15.75
CA VAL A 40 -14.69 5.96 -15.14
C VAL A 40 -16.17 5.81 -14.89
N LEU A 41 -16.70 4.63 -15.18
CA LEU A 41 -18.09 4.26 -14.92
C LEU A 41 -18.11 3.09 -13.94
N MET A 42 -19.23 2.94 -13.20
CA MET A 42 -19.30 1.79 -12.31
C MET A 42 -18.96 0.50 -13.04
N GLN A 43 -19.34 0.41 -14.32
CA GLN A 43 -19.05 -0.78 -15.13
C GLN A 43 -17.56 -1.12 -15.12
N ASP A 44 -16.71 -0.09 -15.03
CA ASP A 44 -15.27 -0.33 -15.18
C ASP A 44 -14.63 -1.07 -14.02
N PHE A 45 -15.28 -1.14 -12.87
CA PHE A 45 -14.60 -1.67 -11.71
C PHE A 45 -14.51 -3.20 -11.75
N GLU A 46 -15.45 -3.85 -12.42
CA GLU A 46 -15.52 -5.31 -12.39
C GLU A 46 -14.86 -5.95 -13.60
N VAL A 47 -14.54 -5.16 -14.63
CA VAL A 47 -13.73 -5.62 -15.75
C VAL A 47 -12.46 -6.28 -15.26
N VAL A 48 -12.12 -7.41 -15.88
CA VAL A 48 -10.79 -8.01 -15.76
C VAL A 48 -10.40 -8.47 -17.17
N GLU A 49 -9.22 -8.07 -17.63
CA GLU A 49 -8.75 -8.31 -18.99
C GLU A 49 -7.51 -9.18 -18.97
N SER A 50 -7.40 -10.09 -19.95
CA SER A 50 -6.31 -11.06 -19.97
C SER A 50 -5.63 -11.06 -21.32
N ILE A 51 -4.29 -11.06 -21.28
CA ILE A 51 -3.45 -11.16 -22.47
C ILE A 51 -2.48 -12.31 -22.23
N PHE A 52 -2.13 -13.04 -23.29
CA PHE A 52 -1.38 -14.29 -23.20
C PHE A 52 0.02 -14.16 -23.79
N PHE A 53 1.03 -14.57 -23.03
CA PHE A 53 2.44 -14.47 -23.41
C PHE A 53 3.10 -15.84 -23.64
N PRO A 54 3.09 -16.38 -24.85
CA PRO A 54 3.80 -17.64 -25.08
C PRO A 54 5.31 -17.41 -25.14
N SER A 55 6.07 -18.42 -24.69
CA SER A 55 7.53 -18.30 -24.69
C SER A 55 8.06 -18.27 -26.12
N GLN A 56 7.40 -19.00 -27.02
CA GLN A 56 7.65 -18.82 -28.44
C GLN A 56 7.53 -17.36 -28.83
N GLY A 57 6.43 -16.73 -28.45
CA GLY A 57 6.09 -15.39 -28.88
C GLY A 57 4.83 -15.39 -29.73
N SER A 58 4.32 -14.17 -29.95
CA SER A 58 3.09 -14.00 -30.71
C SER A 58 3.19 -12.72 -31.52
N SER A 59 2.15 -12.49 -32.33
CA SER A 59 2.04 -11.22 -33.06
C SER A 59 1.83 -10.07 -32.10
N SER A 60 1.03 -10.30 -31.06
CA SER A 60 0.78 -9.28 -30.05
C SER A 60 1.92 -9.25 -29.03
N THR A 61 2.44 -10.40 -28.68
CA THR A 61 3.30 -10.50 -27.51
C THR A 61 4.71 -10.93 -27.90
N PRO A 62 5.74 -10.29 -27.36
CA PRO A 62 7.11 -10.74 -27.62
C PRO A 62 7.43 -12.04 -26.88
N GLY A 63 8.39 -12.78 -27.41
CA GLY A 63 8.87 -13.98 -26.74
C GLY A 63 9.82 -13.64 -25.60
N HIS A 64 10.09 -14.63 -24.75
CA HIS A 64 10.84 -14.35 -23.52
C HIS A 64 11.50 -15.62 -22.98
N HIS A 65 12.43 -15.41 -22.04
CA HIS A 65 13.16 -16.51 -21.41
C HIS A 65 12.26 -17.32 -20.46
N HIS A 66 11.30 -16.67 -19.80
CA HIS A 66 10.44 -17.34 -18.83
C HIS A 66 9.40 -18.22 -19.54
N GLY A 67 8.69 -19.04 -18.75
CA GLY A 67 7.73 -19.97 -19.31
C GLY A 67 6.41 -19.31 -19.63
N ASP A 68 5.59 -19.98 -20.45
CA ASP A 68 4.32 -19.39 -20.88
C ASP A 68 3.43 -19.02 -19.69
N PHE A 69 2.80 -17.84 -19.79
CA PHE A 69 1.93 -17.30 -18.75
C PHE A 69 0.86 -16.42 -19.37
N LYS A 70 -0.31 -16.39 -18.70
CA LYS A 70 -1.31 -15.35 -18.96
C LYS A 70 -1.14 -14.25 -17.91
N PHE A 71 -1.26 -13.00 -18.36
CA PHE A 71 -1.17 -11.84 -17.49
C PHE A 71 -2.54 -11.16 -17.46
N LYS A 72 -3.07 -10.98 -16.26
CA LYS A 72 -4.42 -10.49 -16.05
C LYS A 72 -4.32 -9.11 -15.41
N THR A 73 -4.84 -8.10 -16.11
CA THR A 73 -5.01 -6.76 -15.56
C THR A 73 -6.44 -6.59 -15.05
N TYR A 74 -6.58 -6.28 -13.76
CA TYR A 74 -7.87 -6.05 -13.14
C TYR A 74 -8.27 -4.58 -13.24
N ALA A 75 -9.54 -4.35 -13.60
CA ALA A 75 -10.18 -3.03 -13.57
C ALA A 75 -9.31 -1.95 -14.22
N PRO A 76 -8.84 -2.18 -15.44
CA PRO A 76 -7.74 -1.36 -15.96
C PRO A 76 -8.03 0.13 -16.02
N ILE A 77 -9.19 0.51 -16.56
CA ILE A 77 -9.52 1.93 -16.68
C ILE A 77 -9.61 2.60 -15.31
N ALA A 78 -10.08 1.88 -14.30
CA ALA A 78 -10.21 2.52 -13.01
C ALA A 78 -8.85 2.83 -12.42
N PHE A 79 -7.86 1.94 -12.65
CA PHE A 79 -6.53 2.22 -12.13
C PHE A 79 -5.82 3.26 -12.98
N ARG A 80 -6.14 3.37 -14.26
CA ARG A 80 -5.62 4.54 -14.97
C ARG A 80 -6.08 5.80 -14.25
N TYR A 81 -7.35 5.88 -13.88
CA TYR A 81 -7.85 7.07 -13.20
C TYR A 81 -7.20 7.23 -11.84
N PHE A 82 -7.02 6.14 -11.11
CA PHE A 82 -6.41 6.27 -9.80
C PHE A 82 -4.98 6.78 -9.93
N ARG A 83 -4.20 6.21 -10.85
CA ARG A 83 -2.82 6.66 -11.04
C ARG A 83 -2.76 8.15 -11.33
N GLU A 84 -3.59 8.63 -12.26
CA GLU A 84 -3.57 10.06 -12.60
C GLU A 84 -3.98 10.92 -11.41
N MET A 85 -5.01 10.51 -10.67
CA MET A 85 -5.41 11.27 -9.50
C MET A 85 -4.30 11.32 -8.46
N PHE A 86 -3.35 10.40 -8.56
CA PHE A 86 -2.24 10.23 -7.64
C PHE A 86 -0.94 10.87 -8.13
N GLY A 87 -0.92 11.38 -9.36
CA GLY A 87 0.27 11.97 -9.92
C GLY A 87 1.21 11.05 -10.65
N ILE A 88 0.78 9.85 -11.02
CA ILE A 88 1.70 8.85 -11.53
C ILE A 88 1.59 8.84 -13.07
N ARG A 89 2.39 9.70 -13.72
CA ARG A 89 2.44 9.70 -15.18
C ARG A 89 2.68 8.29 -15.72
N PRO A 90 2.00 7.89 -16.81
CA PRO A 90 2.17 6.53 -17.36
C PRO A 90 3.58 6.18 -17.76
N ASP A 91 4.33 7.10 -18.37
CA ASP A 91 5.70 6.77 -18.76
C ASP A 91 6.55 6.42 -17.54
N ASP A 92 6.32 7.11 -16.41
CA ASP A 92 7.11 6.87 -15.20
C ASP A 92 6.77 5.53 -14.57
N TYR A 93 5.48 5.27 -14.33
CA TYR A 93 5.01 3.94 -13.93
C TYR A 93 5.74 2.86 -14.72
N LEU A 94 5.68 2.94 -16.05
CA LEU A 94 6.23 1.86 -16.87
C LEU A 94 7.74 1.75 -16.70
N TYR A 95 8.45 2.88 -16.68
CA TYR A 95 9.91 2.80 -16.56
C TYR A 95 10.33 2.18 -15.23
N SER A 96 9.99 2.85 -14.13
CA SER A 96 10.17 2.36 -12.76
C SER A 96 9.93 0.87 -12.57
N LEU A 97 8.80 0.37 -13.04
CA LEU A 97 8.42 -0.99 -12.76
C LEU A 97 8.95 -1.95 -13.81
N CYS A 98 8.74 -1.66 -15.09
CA CYS A 98 9.03 -2.66 -16.13
C CYS A 98 10.39 -2.51 -16.81
N ASN A 99 11.20 -1.51 -16.47
CA ASN A 99 12.42 -1.24 -17.23
C ASN A 99 13.63 -1.11 -16.31
N GLU A 100 13.62 -1.83 -15.19
CA GLU A 100 14.68 -1.82 -14.19
C GLU A 100 14.46 -3.01 -13.25
N PRO A 101 15.51 -3.66 -12.77
CA PRO A 101 15.32 -4.88 -11.97
C PRO A 101 14.50 -4.60 -10.72
N LEU A 102 13.81 -5.62 -10.24
CA LEU A 102 13.00 -5.51 -9.04
C LEU A 102 13.70 -6.19 -7.86
N ILE A 103 13.82 -5.47 -6.74
CA ILE A 103 14.36 -6.03 -5.51
C ILE A 103 13.27 -6.77 -4.74
N GLU A 104 13.59 -7.95 -4.18
CA GLU A 104 12.70 -8.66 -3.27
C GLU A 104 12.81 -8.08 -1.85
N LEU A 105 12.16 -8.74 -0.89
CA LEU A 105 12.41 -8.51 0.53
C LEU A 105 12.05 -9.78 1.31
N SER A 106 12.46 -9.80 2.57
CA SER A 106 12.22 -10.92 3.48
C SER A 106 12.70 -10.55 4.88
N SER A 113 2.93 -13.09 3.32
CA SER A 113 2.78 -12.35 2.06
C SER A 113 4.18 -11.97 1.54
N LEU A 114 4.32 -11.82 0.22
CA LEU A 114 5.60 -11.63 -0.46
C LEU A 114 5.67 -10.31 -1.23
N PHE A 115 6.69 -9.50 -0.94
CA PHE A 115 6.84 -8.13 -1.46
C PHE A 115 8.01 -8.00 -2.44
N TYR A 116 8.00 -6.92 -3.22
CA TYR A 116 9.09 -6.46 -4.08
C TYR A 116 9.19 -4.94 -3.96
N VAL A 117 10.23 -4.35 -4.55
CA VAL A 117 10.25 -2.90 -4.78
C VAL A 117 10.82 -2.63 -6.17
N SER A 118 10.61 -1.39 -6.63
CA SER A 118 11.26 -0.88 -7.83
C SER A 118 12.69 -0.46 -7.52
N SER A 119 13.53 -0.48 -8.55
CA SER A 119 14.86 0.09 -8.40
C SER A 119 14.77 1.48 -7.81
N ASP A 120 13.71 2.23 -8.18
CA ASP A 120 13.54 3.62 -7.77
C ASP A 120 13.27 3.78 -6.28
N ASP A 121 12.78 2.71 -5.62
CA ASP A 121 12.21 2.72 -4.27
C ASP A 121 10.90 3.54 -4.20
N GLU A 122 10.22 3.76 -5.32
CA GLU A 122 8.97 4.51 -5.27
C GLU A 122 7.72 3.64 -5.26
N PHE A 123 7.78 2.44 -5.82
CA PHE A 123 6.65 1.54 -5.82
C PHE A 123 6.96 0.31 -4.98
N ILE A 124 5.97 -0.18 -4.23
CA ILE A 124 6.03 -1.50 -3.61
C ILE A 124 5.06 -2.42 -4.32
N ILE A 125 5.46 -3.67 -4.55
CA ILE A 125 4.52 -4.71 -4.96
C ILE A 125 4.29 -5.62 -3.77
N LYS A 126 3.10 -6.24 -3.71
CA LYS A 126 2.74 -7.22 -2.70
C LYS A 126 1.85 -8.26 -3.34
N THR A 127 1.88 -9.48 -2.80
CA THR A 127 0.91 -10.47 -3.22
C THR A 127 -0.32 -10.41 -2.32
N VAL A 128 -1.40 -10.98 -2.81
CA VAL A 128 -2.66 -10.94 -2.10
C VAL A 128 -3.40 -12.24 -2.36
N GLN A 129 -3.96 -12.82 -1.31
CA GLN A 129 -4.77 -14.01 -1.44
C GLN A 129 -5.97 -13.70 -2.33
N HIS A 130 -6.41 -14.71 -3.09
CA HIS A 130 -7.58 -14.64 -3.98
C HIS A 130 -8.75 -13.93 -3.33
N LYS A 131 -8.99 -14.27 -2.06
CA LYS A 131 -10.02 -13.61 -1.26
C LYS A 131 -9.75 -12.11 -1.15
N GLU A 132 -8.50 -11.71 -0.91
CA GLU A 132 -8.15 -10.29 -0.77
C GLU A 132 -8.25 -9.55 -2.11
N ALA A 133 -7.81 -10.15 -3.21
CA ALA A 133 -7.94 -9.46 -4.48
C ALA A 133 -9.41 -9.30 -4.87
N GLU A 134 -10.18 -10.39 -4.81
CA GLU A 134 -11.63 -10.32 -5.04
C GLU A 134 -12.28 -9.22 -4.20
N PHE A 135 -11.80 -9.02 -2.97
CA PHE A 135 -12.37 -8.00 -2.09
C PHE A 135 -11.96 -6.60 -2.49
N LEU A 136 -10.72 -6.44 -2.95
CA LEU A 136 -10.31 -5.18 -3.53
C LEU A 136 -11.29 -4.75 -4.62
N GLN A 137 -11.68 -5.67 -5.53
CA GLN A 137 -12.60 -5.31 -6.61
C GLN A 137 -13.86 -4.72 -6.05
N THR A 138 -14.36 -5.28 -4.96
CA THR A 138 -15.58 -4.72 -4.40
C THR A 138 -15.33 -3.40 -3.67
N LEU A 139 -14.09 -3.15 -3.24
CA LEU A 139 -13.76 -1.93 -2.53
C LEU A 139 -13.71 -0.72 -3.44
N LEU A 140 -13.39 -0.93 -4.74
CA LEU A 140 -13.15 0.15 -5.69
C LEU A 140 -14.16 1.29 -5.59
N PRO A 141 -15.48 1.07 -5.66
CA PRO A 141 -16.36 2.25 -5.66
C PRO A 141 -16.27 3.05 -4.37
N GLY A 142 -16.18 2.39 -3.22
CA GLY A 142 -16.02 3.13 -1.98
C GLY A 142 -14.67 3.82 -1.88
N TYR A 143 -13.65 3.20 -2.47
CA TYR A 143 -12.33 3.82 -2.59
C TYR A 143 -12.39 5.08 -3.44
N PHE A 144 -13.01 4.97 -4.62
CA PHE A 144 -13.29 6.14 -5.42
C PHE A 144 -14.00 7.22 -4.62
N MET A 145 -14.92 6.83 -3.76
CA MET A 145 -15.68 7.84 -3.03
C MET A 145 -14.82 8.51 -1.97
N ASN A 146 -13.92 7.76 -1.38
CA ASN A 146 -13.12 8.30 -0.30
C ASN A 146 -12.06 9.23 -0.87
N LEU A 147 -11.29 8.74 -1.82
CA LEU A 147 -10.35 9.53 -2.59
C LEU A 147 -10.92 10.90 -2.98
N ASN A 148 -12.14 10.93 -3.53
CA ASN A 148 -12.75 12.15 -4.04
C ASN A 148 -13.46 12.97 -2.98
N GLN A 149 -13.37 12.59 -1.70
CA GLN A 149 -13.94 13.38 -0.62
C GLN A 149 -12.87 13.84 0.36
N ASN A 150 -12.02 12.92 0.77
CA ASN A 150 -10.99 13.12 1.78
C ASN A 150 -9.67 13.08 1.01
N MET A 151 -9.19 14.26 0.64
CA MET A 151 -8.09 14.33 -0.29
C MET A 151 -6.74 14.06 0.39
N ARG A 152 -6.69 14.14 1.73
CA ARG A 152 -5.51 13.82 2.51
C ARG A 152 -5.61 12.47 3.24
N THR A 153 -6.43 11.54 2.73
CA THR A 153 -6.60 10.22 3.32
C THR A 153 -5.25 9.47 3.36
N LEU A 154 -5.18 8.52 4.31
CA LEU A 154 -3.98 7.71 4.61
C LEU A 154 -4.01 6.31 4.02
N LEU A 155 -5.10 5.90 3.35
CA LEU A 155 -5.17 4.52 2.91
C LEU A 155 -4.14 4.27 1.82
N PRO A 156 -3.81 3.03 1.57
CA PRO A 156 -2.94 2.70 0.44
C PRO A 156 -3.29 3.38 -0.86
N LYS A 157 -2.29 3.84 -1.60
CA LYS A 157 -2.49 4.40 -2.94
C LYS A 157 -2.37 3.24 -3.93
N PHE A 158 -3.50 2.71 -4.41
CA PHE A 158 -3.47 1.52 -5.25
C PHE A 158 -3.30 1.95 -6.70
N TYR A 159 -2.25 1.47 -7.36
CA TYR A 159 -1.95 1.83 -8.74
C TYR A 159 -2.37 0.75 -9.71
N GLY A 160 -2.45 -0.49 -9.25
CA GLY A 160 -2.89 -1.54 -10.12
C GLY A 160 -3.08 -2.86 -9.41
N LEU A 161 -3.92 -3.71 -9.99
CA LEU A 161 -4.17 -5.05 -9.49
C LEU A 161 -3.93 -6.00 -10.65
N TYR A 162 -3.01 -6.95 -10.47
CA TYR A 162 -2.61 -7.84 -11.54
C TYR A 162 -2.46 -9.25 -11.01
N CYS A 163 -2.49 -10.21 -11.93
CA CYS A 163 -2.40 -11.63 -11.62
C CYS A 163 -1.63 -12.37 -12.71
N VAL A 164 -0.54 -13.04 -12.31
CA VAL A 164 0.26 -13.85 -13.22
C VAL A 164 -0.12 -15.31 -13.02
N GLN A 165 -0.54 -15.98 -14.09
CA GLN A 165 -0.99 -17.37 -14.04
C GLN A 165 0.16 -18.28 -14.44
N ALA A 166 0.74 -18.95 -13.45
CA ALA A 166 1.79 -19.95 -13.67
C ALA A 166 1.11 -21.24 -14.14
N ASP A 167 1.87 -22.35 -14.17
CA ASP A 167 1.38 -23.57 -14.81
C ASP A 167 -0.01 -23.96 -14.34
N GLY A 168 -0.21 -23.97 -13.03
CA GLY A 168 -1.53 -24.21 -12.48
C GLY A 168 -1.85 -23.31 -11.29
N LYS A 169 -0.93 -22.43 -10.93
CA LYS A 169 -1.09 -21.53 -9.80
C LYS A 169 -1.28 -20.10 -10.31
N ASN A 170 -1.92 -19.26 -9.47
CA ASN A 170 -2.02 -17.82 -9.68
C ASN A 170 -1.32 -17.08 -8.54
N ILE A 171 -0.44 -16.14 -8.90
CA ILE A 171 0.07 -15.13 -7.96
C ILE A 171 -0.58 -13.77 -8.32
N ARG A 172 -1.11 -13.10 -7.31
CA ARG A 172 -1.93 -11.91 -7.49
C ARG A 172 -1.21 -10.75 -6.84
N ILE A 173 -0.94 -9.71 -7.63
CA ILE A 173 -0.13 -8.59 -7.17
C ILE A 173 -0.96 -7.32 -7.18
N VAL A 174 -0.74 -6.50 -6.17
CA VAL A 174 -1.27 -5.15 -6.10
C VAL A 174 -0.09 -4.21 -6.01
N VAL A 175 0.09 -3.34 -7.03
CA VAL A 175 1.17 -2.36 -7.02
C VAL A 175 0.70 -1.10 -6.30
N MET A 176 1.52 -0.59 -5.38
CA MET A 176 1.09 0.50 -4.50
C MET A 176 2.30 1.31 -4.09
N ASN A 177 2.07 2.31 -3.23
CA ASN A 177 3.07 3.33 -2.97
C ASN A 177 3.93 2.97 -1.77
N ASN A 178 5.21 3.33 -1.85
CA ASN A 178 6.15 3.09 -0.76
C ASN A 178 6.05 4.21 0.27
N LEU A 179 5.65 3.87 1.48
CA LEU A 179 5.50 4.90 2.49
C LEU A 179 6.85 5.38 3.01
N LEU A 180 7.86 4.51 3.00
CA LEU A 180 9.18 4.81 3.56
C LEU A 180 10.23 4.63 2.47
N PRO A 181 10.54 5.70 1.75
CA PRO A 181 11.49 5.63 0.63
C PRO A 181 12.93 5.79 1.09
N ARG A 182 13.84 5.12 0.38
CA ARG A 182 15.27 5.21 0.72
C ARG A 182 15.73 6.66 0.78
N ALA A 183 15.08 7.54 -0.01
CA ALA A 183 15.55 8.91 -0.17
C ALA A 183 15.63 9.65 1.16
N VAL A 184 14.59 9.54 1.99
CA VAL A 184 14.68 10.10 3.34
C VAL A 184 15.23 9.02 4.25
N PRO A 185 16.14 9.36 5.13
CA PRO A 185 16.69 8.36 6.03
C PRO A 185 15.75 8.24 7.21
N MET A 186 15.31 7.03 7.49
CA MET A 186 14.42 6.78 8.62
C MET A 186 15.23 6.26 9.79
N HIS A 187 15.21 7.01 10.89
CA HIS A 187 15.90 6.63 12.12
C HIS A 187 15.04 5.76 13.02
N LEU A 188 13.73 5.81 12.83
CA LEU A 188 12.79 4.95 13.54
C LEU A 188 11.77 4.39 12.58
N LYS A 189 11.30 3.21 12.88
CA LYS A 189 10.15 2.65 12.20
C LYS A 189 9.22 2.06 13.26
N PHE A 190 7.93 2.04 12.94
CA PHE A 190 6.93 1.45 13.82
C PHE A 190 5.82 0.85 12.98
N ASN A 191 5.22 -0.23 13.46
CA ASN A 191 4.05 -0.81 12.84
C ASN A 191 3.02 -0.94 13.95
N LEU A 192 2.03 -0.05 13.99
CA LEU A 192 1.14 0.07 15.13
C LEU A 192 -0.29 -0.34 14.80
N LYS A 193 -1.01 -0.89 15.80
CA LYS A 193 -2.39 -1.35 15.61
C LYS A 193 -3.36 -0.92 16.69
N GLY A 194 -2.89 -0.41 17.84
CA GLY A 194 -3.75 -0.19 19.00
C GLY A 194 -4.00 -1.42 19.86
N SER A 195 -3.44 -2.57 19.49
CA SER A 195 -3.44 -3.81 20.26
C SER A 195 -2.09 -4.00 20.94
N THR A 196 -2.03 -4.91 21.92
CA THR A 196 -0.82 -5.16 22.70
C THR A 196 -0.24 -6.54 22.51
N TYR A 197 -1.08 -7.57 22.40
CA TYR A 197 -0.62 -8.95 22.35
C TYR A 197 0.36 -9.16 21.21
N LYS A 198 1.56 -9.65 21.56
CA LYS A 198 2.67 -9.94 20.65
C LYS A 198 3.08 -8.70 19.85
N ARG A 199 2.58 -7.51 20.23
CA ARG A 199 2.98 -6.27 19.59
C ARG A 199 4.31 -5.83 20.19
N ARG A 200 5.34 -6.59 19.85
CA ARG A 200 6.69 -6.34 20.34
C ARG A 200 7.64 -7.02 19.37
N ALA A 201 8.64 -6.28 18.88
CA ALA A 201 9.37 -6.70 17.69
C ALA A 201 10.10 -8.00 17.93
N SER A 202 9.80 -9.01 17.08
CA SER A 202 10.54 -10.27 17.12
C SER A 202 12.01 -9.92 17.17
N PRO A 203 12.75 -10.37 18.21
CA PRO A 203 14.15 -9.93 18.36
C PRO A 203 15.01 -10.21 17.13
N LYS A 204 14.69 -11.26 16.36
CA LYS A 204 15.23 -11.45 15.02
C LYS A 204 15.17 -10.17 14.19
N GLU A 205 14.00 -9.52 14.17
CA GLU A 205 13.91 -8.20 13.55
C GLU A 205 14.59 -7.14 14.39
N ARG A 206 14.54 -7.26 15.71
CA ARG A 206 15.03 -6.21 16.61
C ARG A 206 16.53 -5.96 16.41
N SER A 207 17.22 -6.86 15.70
CA SER A 207 18.65 -6.73 15.42
C SER A 207 18.95 -6.04 14.09
N LYS A 208 17.96 -5.80 13.23
CA LYS A 208 18.22 -4.96 12.09
C LYS A 208 18.66 -3.57 12.58
N GLY A 209 19.40 -2.85 11.73
CA GLY A 209 19.66 -1.47 12.05
C GLY A 209 18.46 -0.59 11.83
N VAL A 210 17.52 -1.06 10.99
CA VAL A 210 16.27 -0.39 10.66
C VAL A 210 15.10 -1.11 11.34
N PRO A 211 15.03 -1.20 12.67
CA PRO A 211 14.06 -2.10 13.29
C PRO A 211 12.66 -1.51 13.21
N THR A 212 11.69 -2.31 12.72
CA THR A 212 10.28 -1.89 12.69
C THR A 212 9.63 -2.34 13.99
N TYR A 213 9.78 -1.49 15.00
CA TYR A 213 9.23 -1.77 16.32
C TYR A 213 7.72 -1.79 16.26
N LYS A 214 7.09 -2.55 17.14
CA LYS A 214 5.64 -2.62 17.24
C LYS A 214 5.14 -1.81 18.45
N ASP A 215 3.99 -2.19 18.99
CA ASP A 215 3.24 -1.27 19.83
C ASP A 215 3.84 -1.16 21.23
N LEU A 216 4.13 -2.30 21.86
CA LEU A 216 4.73 -2.26 23.20
C LEU A 216 6.09 -1.58 23.15
N ASP A 217 6.89 -1.96 22.15
CA ASP A 217 8.15 -1.28 21.84
C ASP A 217 7.98 0.22 21.82
N PHE A 218 6.92 0.71 21.18
CA PHE A 218 6.70 2.14 21.13
C PHE A 218 6.48 2.71 22.52
N MET A 219 5.56 2.11 23.28
CA MET A 219 5.04 2.74 24.49
C MET A 219 6.10 2.94 25.56
N GLN A 220 7.18 2.14 25.54
CA GLN A 220 8.30 2.27 26.45
C GLN A 220 9.46 3.09 25.86
N ASP A 221 9.79 2.91 24.59
CA ASP A 221 10.88 3.68 24.01
C ASP A 221 10.52 5.15 23.86
N MET A 222 9.23 5.47 23.66
CA MET A 222 8.78 6.84 23.41
C MET A 222 7.61 7.25 24.31
N PRO A 223 7.77 7.09 25.62
CA PRO A 223 6.60 7.20 26.53
C PRO A 223 6.09 8.60 26.74
N GLU A 224 6.81 9.65 26.33
CA GLU A 224 6.25 10.99 26.27
C GLU A 224 5.77 11.33 24.85
N GLY A 225 5.82 10.37 23.93
CA GLY A 225 5.08 10.47 22.68
C GLY A 225 5.77 11.28 21.59
N ILE A 226 4.96 11.62 20.59
CA ILE A 226 5.35 12.44 19.45
C ILE A 226 4.49 13.70 19.50
N LEU A 227 5.07 14.83 19.92
CA LEU A 227 4.23 16.01 20.03
C LEU A 227 4.02 16.67 18.66
N LEU A 228 2.83 17.22 18.49
CA LEU A 228 2.42 17.88 17.27
C LEU A 228 1.82 19.23 17.60
N GLU A 229 2.04 20.18 16.70
CA GLU A 229 1.43 21.49 16.84
C GLU A 229 -0.08 21.36 17.01
N ASN A 230 -0.71 22.36 17.64
CA ASN A 230 -2.17 22.37 17.60
C ASN A 230 -2.66 22.39 16.16
N ASP A 231 -1.87 22.96 15.24
CA ASP A 231 -2.25 22.97 13.84
C ASP A 231 -2.30 21.55 13.26
N HIS A 232 -1.15 20.87 13.15
CA HIS A 232 -1.08 19.63 12.37
C HIS A 232 -1.72 18.45 13.09
N TYR A 233 -1.71 18.47 14.43
CA TYR A 233 -2.39 17.42 15.17
C TYR A 233 -3.87 17.34 14.80
N THR A 234 -4.47 18.46 14.42
CA THR A 234 -5.90 18.45 14.09
C THR A 234 -6.17 17.74 12.76
N ALA A 235 -5.34 17.96 11.74
CA ALA A 235 -5.50 17.22 10.50
C ALA A 235 -5.55 15.73 10.75
N LEU A 236 -4.53 15.22 11.44
CA LEU A 236 -4.46 13.80 11.72
C LEU A 236 -5.73 13.30 12.38
N SER A 237 -6.06 13.87 13.55
CA SER A 237 -7.26 13.44 14.27
C SER A 237 -8.46 13.44 13.36
N ARG A 238 -8.52 14.41 12.45
CA ARG A 238 -9.66 14.53 11.54
C ARG A 238 -9.57 13.51 10.43
N THR A 239 -8.45 13.45 9.71
CA THR A 239 -8.48 12.51 8.60
C THR A 239 -8.33 11.07 9.05
N MET A 240 -7.96 10.81 10.29
CA MET A 240 -7.98 9.42 10.68
C MET A 240 -9.37 8.98 11.07
N GLN A 241 -10.08 9.80 11.84
CA GLN A 241 -11.48 9.50 12.05
C GLN A 241 -12.19 9.24 10.73
N ARG A 242 -11.71 9.82 9.63
CA ARG A 242 -12.36 9.58 8.35
C ARG A 242 -11.98 8.22 7.77
N ASP A 243 -10.69 7.90 7.80
CA ASP A 243 -10.25 6.60 7.28
C ASP A 243 -10.76 5.46 8.13
N CYS A 244 -10.92 5.68 9.42
CA CYS A 244 -11.49 4.63 10.22
C CYS A 244 -12.98 4.47 9.98
N ARG A 245 -13.71 5.56 9.79
CA ARG A 245 -15.11 5.37 9.42
C ARG A 245 -15.24 4.66 8.08
N VAL A 246 -14.27 4.83 7.17
CA VAL A 246 -14.32 4.16 5.86
C VAL A 246 -14.04 2.67 6.02
N LEU A 247 -13.03 2.34 6.81
CA LEU A 247 -12.55 0.98 6.97
C LEU A 247 -13.59 0.11 7.67
N GLN A 248 -14.17 0.63 8.75
CA GLN A 248 -15.13 -0.16 9.50
C GLN A 248 -16.39 -0.33 8.69
N SER A 249 -16.75 0.67 7.90
CA SER A 249 -17.84 0.52 6.96
C SER A 249 -17.68 -0.73 6.13
N PHE A 250 -16.47 -0.99 5.65
CA PHE A 250 -16.21 -2.12 4.77
C PHE A 250 -15.86 -3.39 5.54
N LYS A 251 -15.95 -3.32 6.87
CA LYS A 251 -15.80 -4.48 7.73
C LYS A 251 -14.33 -4.95 7.77
N ILE A 252 -13.37 -4.02 7.65
CA ILE A 252 -11.95 -4.36 7.48
C ILE A 252 -11.26 -4.37 8.84
N MET A 253 -10.23 -5.22 8.99
CA MET A 253 -9.40 -5.28 10.21
C MET A 253 -7.96 -5.69 9.94
N ASP A 254 -7.15 -5.66 11.03
CA ASP A 254 -5.75 -6.09 11.12
C ASP A 254 -4.81 -5.14 10.43
N TYR A 255 -5.28 -3.95 10.12
CA TYR A 255 -4.51 -2.91 9.49
C TYR A 255 -3.67 -2.18 10.53
N SER A 256 -2.45 -1.85 10.13
CA SER A 256 -1.54 -1.10 10.98
C SER A 256 -1.36 0.30 10.44
N LEU A 257 -1.16 1.25 11.34
CA LEU A 257 -0.57 2.54 10.99
C LEU A 257 0.95 2.40 11.01
N LEU A 258 1.56 2.35 9.83
CA LEU A 258 3.02 2.29 9.69
C LEU A 258 3.58 3.70 9.81
N VAL A 259 4.69 3.86 10.55
CA VAL A 259 5.18 5.20 10.90
C VAL A 259 6.69 5.23 10.94
N GLY A 260 7.30 6.03 10.07
CA GLY A 260 8.75 6.23 10.03
C GLY A 260 9.09 7.63 10.52
N ILE A 261 10.16 7.73 11.30
CA ILE A 261 10.51 9.00 11.91
C ILE A 261 11.87 9.41 11.40
N HIS A 262 12.05 10.72 11.23
CA HIS A 262 13.32 11.30 10.81
C HIS A 262 13.62 12.53 11.66
N ILE A 263 14.88 12.62 12.15
CA ILE A 263 15.33 13.67 13.07
C ILE A 263 16.38 14.55 12.38
N LEU A 264 16.38 15.84 12.73
CA LEU A 264 17.09 16.89 11.99
C LEU A 264 18.21 17.55 12.81
N HIS A 265 19.13 18.18 12.08
CA HIS A 265 20.22 18.94 12.69
C HIS A 265 20.50 20.25 11.94
N MET A 312 10.74 16.46 2.04
CA MET A 312 9.84 17.53 2.40
C MET A 312 8.37 17.09 2.47
N GLY A 313 8.08 15.80 2.24
CA GLY A 313 6.71 15.31 2.11
C GLY A 313 5.94 15.10 3.42
N GLY A 314 6.65 14.92 4.54
CA GLY A 314 6.04 14.42 5.76
C GLY A 314 5.47 15.48 6.69
N ILE A 315 5.23 15.06 7.93
CA ILE A 315 4.65 15.89 9.00
C ILE A 315 5.76 16.37 9.92
N PRO A 316 5.74 17.63 10.42
CA PRO A 316 6.75 18.04 11.41
C PRO A 316 6.34 17.81 12.86
N ALA A 317 7.24 17.24 13.65
CA ALA A 317 6.92 16.87 15.02
C ALA A 317 8.05 17.25 15.97
N PHE A 318 7.70 17.37 17.25
CA PHE A 318 8.63 17.66 18.32
C PHE A 318 8.78 16.42 19.20
N ASN A 319 10.00 16.16 19.66
CA ASN A 319 10.34 14.96 20.44
C ASN A 319 10.12 15.23 21.93
N SER A 320 9.98 14.14 22.70
CA SER A 320 9.88 14.26 24.16
C SER A 320 11.02 15.11 24.72
N LYS A 321 12.25 14.84 24.25
CA LYS A 321 13.40 15.67 24.61
C LYS A 321 13.27 17.07 24.01
N GLY A 322 12.95 17.16 22.72
CA GLY A 322 12.74 18.45 22.09
C GLY A 322 13.36 18.60 20.70
N GLU A 323 13.96 17.54 20.17
CA GLU A 323 14.52 17.62 18.82
C GLU A 323 13.39 17.76 17.79
N ARG A 324 13.73 18.33 16.65
CA ARG A 324 12.76 18.58 15.58
C ARG A 324 12.72 17.39 14.63
N LEU A 325 11.52 16.88 14.37
CA LEU A 325 11.26 15.64 13.64
C LEU A 325 10.47 15.90 12.36
N LEU A 326 10.42 14.87 11.51
CA LEU A 326 9.59 14.85 10.29
C LEU A 326 9.02 13.44 10.13
N VAL A 327 7.74 13.26 10.52
CA VAL A 327 7.11 11.94 10.68
C VAL A 327 6.33 11.55 9.42
N PHE A 328 6.53 10.31 8.94
CA PHE A 328 5.97 9.78 7.70
C PHE A 328 5.06 8.59 7.99
N ILE A 329 3.76 8.74 7.70
CA ILE A 329 2.76 7.79 8.19
C ILE A 329 1.84 7.34 7.07
N GLY A 330 1.23 6.16 7.27
CA GLY A 330 0.28 5.57 6.34
C GLY A 330 -0.34 4.29 6.87
N ILE A 331 -1.58 3.97 6.46
CA ILE A 331 -2.34 2.81 6.93
C ILE A 331 -2.20 1.68 5.93
N ILE A 332 -1.82 0.49 6.38
CA ILE A 332 -1.47 -0.61 5.49
C ILE A 332 -2.24 -1.86 5.92
N ASP A 333 -2.26 -2.86 5.04
CA ASP A 333 -2.95 -4.15 5.27
C ASP A 333 -4.44 -3.91 5.51
N ILE A 334 -5.11 -3.40 4.47
CA ILE A 334 -6.54 -3.10 4.58
C ILE A 334 -7.42 -4.08 3.78
N LEU A 335 -6.91 -5.24 3.37
CA LEU A 335 -7.70 -6.08 2.48
C LEU A 335 -8.28 -7.31 3.15
N GLN A 336 -8.16 -7.45 4.46
CA GLN A 336 -8.81 -8.53 5.19
C GLN A 336 -10.13 -7.99 5.75
N SER A 337 -11.24 -8.37 5.13
CA SER A 337 -12.56 -7.95 5.60
C SER A 337 -13.38 -9.15 6.07
N TYR A 338 -14.51 -8.84 6.69
CA TYR A 338 -15.37 -9.82 7.34
C TYR A 338 -16.82 -9.63 6.93
N ARG A 339 -17.06 -9.29 5.66
CA ARG A 339 -18.42 -9.11 5.12
C ARG A 339 -19.11 -10.45 4.75
N THR A 357 -15.47 -16.27 12.09
CA THR A 357 -16.61 -15.67 12.78
C THR A 357 -16.20 -14.44 13.62
N VAL A 358 -16.76 -13.26 13.32
CA VAL A 358 -16.56 -12.04 14.10
C VAL A 358 -17.92 -11.38 14.37
N SER A 359 -17.96 -10.54 15.41
CA SER A 359 -19.22 -9.90 15.81
C SER A 359 -19.63 -8.80 14.83
N VAL A 360 -20.90 -8.41 14.92
CA VAL A 360 -21.40 -7.28 14.13
C VAL A 360 -20.57 -6.04 14.43
N HIS A 361 -20.39 -5.73 15.70
CA HIS A 361 -19.78 -4.49 16.09
C HIS A 361 -18.27 -4.61 16.30
N ARG A 362 -17.64 -5.65 15.78
CA ARG A 362 -16.23 -5.80 16.11
C ARG A 362 -15.29 -4.92 15.26
N PRO A 363 -15.36 -4.93 13.93
CA PRO A 363 -14.57 -3.98 13.16
C PRO A 363 -14.68 -2.54 13.64
N SER A 364 -15.86 -2.13 14.13
CA SER A 364 -15.99 -0.81 14.71
C SER A 364 -15.10 -0.65 15.93
N PHE A 365 -15.02 -1.71 16.77
CA PHE A 365 -14.13 -1.70 17.94
C PHE A 365 -12.66 -1.52 17.52
N TYR A 366 -12.23 -2.26 16.48
CA TYR A 366 -10.86 -2.13 16.02
C TYR A 366 -10.58 -0.70 15.57
N ALA A 367 -11.54 -0.08 14.90
CA ALA A 367 -11.33 1.29 14.45
C ALA A 367 -11.24 2.25 15.64
N ASP A 368 -12.28 2.28 16.49
CA ASP A 368 -12.27 3.20 17.64
C ASP A 368 -11.02 3.05 18.50
N ARG A 369 -10.56 1.82 18.72
CA ARG A 369 -9.32 1.61 19.43
C ARG A 369 -8.15 2.21 18.65
N PHE A 370 -7.86 1.63 17.48
CA PHE A 370 -6.88 2.12 16.51
C PHE A 370 -6.73 3.63 16.52
N GLN A 371 -7.86 4.35 16.45
CA GLN A 371 -7.82 5.81 16.34
C GLN A 371 -7.61 6.48 17.69
N LYS A 372 -8.35 6.06 18.72
CA LYS A 372 -8.14 6.57 20.07
C LYS A 372 -6.72 6.31 20.57
N PHE A 373 -6.06 5.27 20.05
CA PHE A 373 -4.64 5.06 20.32
C PHE A 373 -3.80 6.09 19.58
N MET A 374 -3.69 5.98 18.24
CA MET A 374 -2.78 6.84 17.49
C MET A 374 -2.98 8.31 17.83
N CYS A 375 -4.23 8.70 18.05
CA CYS A 375 -4.55 10.10 18.34
C CYS A 375 -4.71 10.36 19.83
N SER A 376 -4.00 9.59 20.66
CA SER A 376 -3.77 9.95 22.06
C SER A 376 -2.37 9.52 22.49
N THR A 377 -2.07 8.23 22.37
CA THR A 377 -0.75 7.76 22.77
C THR A 377 0.33 8.15 21.76
N VAL A 378 0.07 7.97 20.46
CA VAL A 378 1.16 8.07 19.50
C VAL A 378 1.39 9.50 19.01
N PHE A 379 0.35 10.34 18.95
CA PHE A 379 0.47 11.75 18.61
C PHE A 379 -0.35 12.57 19.60
N ARG A 380 0.29 13.55 20.26
CA ARG A 380 -0.42 14.40 21.21
C ARG A 380 -0.10 15.88 20.96
N LYS A 381 -0.91 16.75 21.58
CA LYS A 381 -0.82 18.20 21.36
C LYS A 381 -0.01 18.91 22.44
#